data_2YDO
#
_entry.id   2YDO
#
_cell.length_a   76.465
_cell.length_b   98.869
_cell.length_c   79.516
_cell.angle_alpha   90.00
_cell.angle_beta   93.49
_cell.angle_gamma   90.00
#
_symmetry.space_group_name_H-M   'C 1 2 1'
#
loop_
_entity.id
_entity.type
_entity.pdbx_description
1 polymer 'ADENOSINE RECEPTOR A2A'
2 non-polymer ADENOSINE
3 non-polymer 'octyl 1-thio-beta-D-glucopyranoside'
4 water water
#
_entity_poly.entity_id   1
_entity_poly.type   'polypeptide(L)'
_entity_poly.pdbx_seq_one_letter_code
;MPIMGSSVYITVELAIAVLAILGNVLVCWAVWLNSNLQNVTNYFVVSAAAADILVGVLAIPFAIAISTGFCAACHGCLFI
ACFVLVLTASSIFSLLAIAIDRYIAIRIPLRYNGLVTGTRAKGIIAICWVLSFAIGLTPMLGWNNCGQPKEGKAHSQGCG
EGQVACLFEDVVPMNYMVYFNFFACVLVPLLLMLGVYLRIFLAARRQLKQMESQPLPGERARSTLQKEVHAAKSLAIIVG
LFALCWLPLHIINCFTFFCPDCSHAPLWLMYLAIVLSHTNSVVNPFIYAYRIREFRQTFRKIIRSHVLRQQEPFKAAAAE
NLYFQ
;
_entity_poly.pdbx_strand_id   A
#
loop_
_chem_comp.id
_chem_comp.type
_chem_comp.name
_chem_comp.formula
ADN non-polymer ADENOSINE 'C10 H13 N5 O4'
SOG D-saccharide 'octyl 1-thio-beta-D-glucopyranoside' 'C14 H28 O5 S'
#
# COMPACT_ATOMS: atom_id res chain seq x y z
N SER A 6 -6.96 -18.31 12.32
CA SER A 6 -6.74 -19.31 11.23
C SER A 6 -5.34 -19.17 10.64
N SER A 7 -4.47 -20.11 11.00
CA SER A 7 -3.08 -20.11 10.53
C SER A 7 -2.96 -20.12 9.01
N VAL A 8 -4.02 -20.60 8.35
CA VAL A 8 -4.14 -20.57 6.90
C VAL A 8 -4.10 -19.14 6.38
N TYR A 9 -4.85 -18.25 7.06
CA TYR A 9 -4.86 -16.82 6.78
C TYR A 9 -3.56 -16.15 7.26
N ILE A 10 -3.11 -16.52 8.46
CA ILE A 10 -1.91 -15.95 9.07
C ILE A 10 -0.66 -16.13 8.19
N THR A 11 -0.53 -17.31 7.60
CA THR A 11 0.65 -17.63 6.78
C THR A 11 0.68 -16.87 5.45
N VAL A 12 -0.48 -16.82 4.78
CA VAL A 12 -0.63 -16.07 3.54
C VAL A 12 -0.31 -14.60 3.81
N GLU A 13 -0.84 -14.08 4.91
CA GLU A 13 -0.57 -12.71 5.35
C GLU A 13 0.91 -12.45 5.57
N LEU A 14 1.63 -13.47 6.04
CA LEU A 14 3.06 -13.36 6.31
C LEU A 14 3.90 -13.34 5.02
N ALA A 15 3.47 -14.13 4.04
CA ALA A 15 4.12 -14.12 2.72
C ALA A 15 4.18 -12.70 2.16
N ILE A 16 3.02 -12.03 2.15
CA ILE A 16 2.86 -10.69 1.59
C ILE A 16 3.77 -9.67 2.27
N ALA A 17 3.90 -9.77 3.59
CA ALA A 17 4.80 -8.90 4.35
C ALA A 17 6.22 -9.00 3.80
N VAL A 18 6.73 -10.23 3.70
CA VAL A 18 8.04 -10.50 3.13
C VAL A 18 8.13 -9.92 1.71
N LEU A 19 7.22 -10.37 0.83
CA LEU A 19 7.17 -9.91 -0.55
C LEU A 19 7.17 -8.38 -0.68
N ALA A 20 6.40 -7.72 0.18
CA ALA A 20 6.34 -6.26 0.22
C ALA A 20 7.67 -5.66 0.68
N ILE A 21 8.28 -6.28 1.68
CA ILE A 21 9.58 -5.84 2.17
C ILE A 21 10.67 -6.04 1.11
N LEU A 22 10.69 -7.21 0.48
CA LEU A 22 11.69 -7.52 -0.54
C LEU A 22 11.61 -6.57 -1.73
N GLY A 23 10.45 -6.54 -2.38
CA GLY A 23 10.22 -5.67 -3.53
C GLY A 23 10.50 -4.20 -3.29
N ASN A 24 10.15 -3.70 -2.11
CA ASN A 24 10.31 -2.27 -1.84
C ASN A 24 11.68 -1.87 -1.31
N VAL A 25 12.35 -2.81 -0.63
CA VAL A 25 13.77 -2.66 -0.31
C VAL A 25 14.56 -2.64 -1.62
N LEU A 26 14.20 -3.58 -2.51
CA LEU A 26 14.77 -3.64 -3.86
C LEU A 26 14.64 -2.29 -4.57
N VAL A 27 13.44 -1.70 -4.52
CA VAL A 27 13.15 -0.40 -5.13
C VAL A 27 14.01 0.69 -4.52
N CYS A 28 14.09 0.70 -3.19
CA CYS A 28 14.87 1.71 -2.47
C CYS A 28 16.37 1.53 -2.68
N TRP A 29 16.82 0.28 -2.64
CA TRP A 29 18.20 -0.08 -2.94
C TRP A 29 18.61 0.53 -4.28
N ALA A 30 17.80 0.24 -5.31
CA ALA A 30 18.06 0.67 -6.68
C ALA A 30 18.32 2.17 -6.86
N VAL A 31 17.69 2.98 -6.02
CA VAL A 31 17.83 4.44 -6.13
C VAL A 31 19.14 4.92 -5.48
N TRP A 32 19.63 4.16 -4.51
CA TRP A 32 20.88 4.49 -3.84
C TRP A 32 22.09 4.22 -4.76
N LEU A 33 22.08 3.07 -5.42
CA LEU A 33 23.17 2.66 -6.31
C LEU A 33 23.20 3.46 -7.62
N ASN A 34 22.15 3.29 -8.44
CA ASN A 34 22.06 3.95 -9.74
C ASN A 34 21.91 5.47 -9.64
N SER A 35 22.95 6.19 -10.04
CA SER A 35 23.01 7.64 -9.91
C SER A 35 22.05 8.38 -10.85
N ASN A 36 21.62 7.71 -11.92
CA ASN A 36 20.64 8.28 -12.86
C ASN A 36 19.25 8.34 -12.25
N LEU A 37 18.98 7.43 -11.32
CA LEU A 37 17.68 7.34 -10.65
C LEU A 37 17.46 8.45 -9.61
N GLN A 38 18.51 9.19 -9.30
CA GLN A 38 18.47 10.19 -8.22
C GLN A 38 17.96 11.56 -8.68
N ASN A 39 16.70 11.61 -9.08
CA ASN A 39 16.03 12.87 -9.42
C ASN A 39 14.70 13.05 -8.67
N VAL A 40 14.15 14.26 -8.77
CA VAL A 40 12.92 14.67 -8.05
C VAL A 40 11.77 13.67 -8.24
N THR A 41 11.57 13.22 -9.47
CA THR A 41 10.51 12.27 -9.83
C THR A 41 10.51 11.00 -8.97
N ASN A 42 11.69 10.57 -8.55
CA ASN A 42 11.83 9.31 -7.84
C ASN A 42 11.79 9.41 -6.31
N TYR A 43 11.83 10.64 -5.80
CA TYR A 43 11.51 10.91 -4.40
C TYR A 43 10.18 10.25 -4.08
N PHE A 44 9.16 10.63 -4.84
CA PHE A 44 7.79 10.14 -4.70
C PHE A 44 7.69 8.61 -4.78
N VAL A 45 8.64 7.98 -5.49
CA VAL A 45 8.68 6.53 -5.61
C VAL A 45 9.26 5.90 -4.34
N VAL A 46 10.31 6.51 -3.81
CA VAL A 46 10.97 6.00 -2.59
C VAL A 46 10.04 6.16 -1.39
N SER A 47 9.38 7.32 -1.32
CA SER A 47 8.37 7.60 -0.31
C SER A 47 7.35 6.48 -0.27
N ALA A 48 6.72 6.23 -1.42
CA ALA A 48 5.71 5.18 -1.54
C ALA A 48 6.26 3.80 -1.20
N ALA A 49 7.48 3.52 -1.66
CA ALA A 49 8.16 2.26 -1.34
C ALA A 49 8.50 2.16 0.13
N ALA A 50 8.88 3.28 0.74
CA ALA A 50 9.17 3.36 2.18
C ALA A 50 7.95 2.98 3.02
N ALA A 51 6.80 3.56 2.68
CA ALA A 51 5.54 3.28 3.36
C ALA A 51 5.16 1.80 3.31
N ASP A 52 5.31 1.18 2.14
CA ASP A 52 4.97 -0.24 1.97
C ASP A 52 5.88 -1.16 2.78
N ILE A 53 7.14 -0.73 2.96
CA ILE A 53 8.05 -1.41 3.86
C ILE A 53 7.45 -1.37 5.26
N LEU A 54 7.12 -0.16 5.72
CA LEU A 54 6.48 0.04 7.02
C LEU A 54 5.17 -0.74 7.14
N VAL A 55 4.48 -0.95 6.01
CA VAL A 55 3.28 -1.78 5.99
C VAL A 55 3.63 -3.25 6.20
N GLY A 56 4.71 -3.71 5.56
CA GLY A 56 5.18 -5.08 5.70
C GLY A 56 5.79 -5.35 7.06
N VAL A 57 6.59 -4.39 7.53
CA VAL A 57 7.30 -4.52 8.80
C VAL A 57 6.39 -4.34 10.02
N LEU A 58 5.58 -3.28 10.01
CA LEU A 58 4.77 -2.91 11.18
C LEU A 58 3.26 -3.20 11.06
N ALA A 59 2.65 -2.78 9.95
CA ALA A 59 1.19 -2.85 9.79
C ALA A 59 0.63 -4.26 9.68
N ILE A 60 1.25 -5.10 8.86
CA ILE A 60 0.77 -6.47 8.66
C ILE A 60 0.95 -7.35 9.91
N PRO A 61 2.08 -7.20 10.64
CA PRO A 61 2.18 -7.87 11.93
C PRO A 61 1.02 -7.49 12.86
N PHE A 62 0.80 -6.18 13.02
CA PHE A 62 -0.31 -5.67 13.84
C PHE A 62 -1.67 -6.20 13.37
N ALA A 63 -1.89 -6.21 12.05
CA ALA A 63 -3.12 -6.73 11.46
C ALA A 63 -3.37 -8.19 11.79
N ILE A 64 -2.29 -8.94 11.99
CA ILE A 64 -2.36 -10.36 12.35
C ILE A 64 -2.83 -10.56 13.80
N ALA A 65 -2.29 -9.73 14.70
CA ALA A 65 -2.66 -9.75 16.11
C ALA A 65 -4.16 -9.48 16.31
N ILE A 66 -4.66 -8.49 15.59
CA ILE A 66 -6.04 -8.02 15.68
C ILE A 66 -7.08 -9.08 15.26
N SER A 67 -6.63 -10.12 14.57
CA SER A 67 -7.53 -11.17 14.06
C SER A 67 -7.78 -12.29 15.07
N THR A 68 -6.91 -12.37 16.08
CA THR A 68 -6.96 -13.46 17.06
C THR A 68 -7.98 -13.21 18.16
N GLY A 69 -8.14 -11.94 18.53
CA GLY A 69 -9.05 -11.55 19.60
C GLY A 69 -8.43 -11.77 20.96
N PHE A 70 -7.17 -11.36 21.09
CA PHE A 70 -6.44 -11.51 22.35
C PHE A 70 -6.94 -10.55 23.43
N CYS A 71 -6.63 -10.87 24.68
CA CYS A 71 -7.06 -10.06 25.82
C CYS A 71 -6.11 -8.90 26.06
N ALA A 72 -6.64 -7.68 25.94
CA ALA A 72 -5.92 -6.46 26.28
C ALA A 72 -6.92 -5.36 26.58
N ALA A 73 -6.39 -4.21 27.02
CA ALA A 73 -7.20 -3.03 27.27
C ALA A 73 -7.80 -2.54 25.95
N CYS A 74 -9.05 -2.09 25.99
CA CYS A 74 -9.74 -1.59 24.81
C CYS A 74 -8.93 -0.50 24.12
N HIS A 75 -8.51 0.50 24.90
CA HIS A 75 -7.77 1.64 24.36
C HIS A 75 -6.37 1.27 23.88
N GLY A 76 -5.86 0.13 24.34
CA GLY A 76 -4.64 -0.45 23.80
C GLY A 76 -4.91 -1.07 22.44
N CYS A 77 -6.01 -1.81 22.36
CA CYS A 77 -6.44 -2.45 21.13
C CYS A 77 -6.72 -1.44 20.01
N LEU A 78 -7.33 -0.31 20.36
CA LEU A 78 -7.64 0.75 19.40
C LEU A 78 -6.38 1.39 18.80
N PHE A 79 -5.35 1.54 19.63
CA PHE A 79 -4.09 2.14 19.20
C PHE A 79 -3.41 1.30 18.11
N ILE A 80 -3.47 -0.02 18.26
CA ILE A 80 -2.93 -0.95 17.26
C ILE A 80 -3.69 -0.83 15.93
N ALA A 81 -5.01 -0.80 16.00
CA ALA A 81 -5.86 -0.69 14.81
C ALA A 81 -5.64 0.65 14.10
N CYS A 82 -5.53 1.72 14.89
CA CYS A 82 -5.28 3.06 14.35
C CYS A 82 -3.92 3.14 13.68
N PHE A 83 -2.94 2.43 14.24
CA PHE A 83 -1.60 2.38 13.66
C PHE A 83 -1.61 1.69 12.29
N VAL A 84 -2.39 0.61 12.17
CA VAL A 84 -2.61 -0.06 10.89
C VAL A 84 -3.26 0.91 9.90
N LEU A 85 -4.33 1.59 10.32
CA LEU A 85 -5.03 2.57 9.50
C LEU A 85 -4.11 3.70 9.00
N VAL A 86 -3.21 4.15 9.88
CA VAL A 86 -2.25 5.21 9.52
C VAL A 86 -1.26 4.79 8.42
N LEU A 87 -0.63 3.63 8.60
CA LEU A 87 0.42 3.15 7.69
C LEU A 87 -0.12 2.71 6.34
N THR A 88 -1.31 2.10 6.33
CA THR A 88 -1.99 1.77 5.07
C THR A 88 -2.37 3.05 4.34
N ALA A 89 -2.80 4.07 5.08
CA ALA A 89 -3.14 5.37 4.49
C ALA A 89 -1.93 6.04 3.88
N SER A 90 -0.79 5.98 4.58
CA SER A 90 0.48 6.53 4.08
C SER A 90 0.89 5.87 2.76
N SER A 91 0.70 4.55 2.70
CA SER A 91 0.95 3.77 1.48
C SER A 91 0.14 4.29 0.29
N ILE A 92 -1.15 4.53 0.53
CA ILE A 92 -2.07 5.03 -0.49
C ILE A 92 -1.72 6.45 -0.97
N PHE A 93 -1.44 7.36 -0.04
CA PHE A 93 -1.22 8.76 -0.39
C PHE A 93 0.11 9.00 -1.09
N SER A 94 1.17 8.39 -0.57
CA SER A 94 2.48 8.42 -1.22
C SER A 94 2.40 7.87 -2.65
N LEU A 95 1.53 6.88 -2.85
CA LEU A 95 1.23 6.37 -4.18
C LEU A 95 0.50 7.41 -5.04
N LEU A 96 -0.45 8.12 -4.43
CA LEU A 96 -1.18 9.20 -5.10
C LEU A 96 -0.24 10.32 -5.55
N ALA A 97 0.75 10.63 -4.72
CA ALA A 97 1.77 11.62 -5.07
C ALA A 97 2.41 11.29 -6.42
N ILE A 98 2.78 10.02 -6.61
CA ILE A 98 3.33 9.54 -7.88
C ILE A 98 2.42 9.90 -9.05
N ALA A 99 1.14 9.59 -8.90
CA ALA A 99 0.13 9.90 -9.93
C ALA A 99 0.03 11.39 -10.24
N ILE A 100 0.06 12.23 -9.20
CA ILE A 100 -0.04 13.69 -9.37
C ILE A 100 1.21 14.25 -10.03
N ASP A 101 2.37 13.65 -9.73
CA ASP A 101 3.63 14.04 -10.32
C ASP A 101 3.60 13.82 -11.83
N ARG A 102 3.26 12.58 -12.22
CA ARG A 102 3.12 12.20 -13.62
C ARG A 102 2.13 13.10 -14.36
N TYR A 103 1.07 13.51 -13.67
CA TYR A 103 0.09 14.42 -14.24
C TYR A 103 0.73 15.75 -14.64
N ILE A 104 1.52 16.33 -13.74
CA ILE A 104 2.23 17.58 -14.01
C ILE A 104 3.25 17.33 -15.12
N ALA A 105 3.99 16.22 -15.01
CA ALA A 105 5.01 15.85 -15.97
C ALA A 105 4.46 15.65 -17.39
N ILE A 106 3.18 15.32 -17.50
CA ILE A 106 2.56 15.13 -18.81
C ILE A 106 1.84 16.40 -19.31
N ARG A 107 1.04 17.02 -18.45
CA ARG A 107 0.24 18.17 -18.85
C ARG A 107 1.05 19.47 -18.98
N ILE A 108 1.97 19.69 -18.05
CA ILE A 108 2.84 20.86 -18.08
C ILE A 108 4.30 20.43 -17.88
N PRO A 109 4.93 19.89 -18.94
CA PRO A 109 6.26 19.27 -18.83
C PRO A 109 7.42 20.26 -18.87
N LEU A 110 7.14 21.50 -19.30
CA LEU A 110 8.16 22.53 -19.43
C LEU A 110 8.56 23.11 -18.07
N ARG A 111 7.58 23.69 -17.36
CA ARG A 111 7.84 24.26 -16.04
C ARG A 111 7.87 23.21 -14.92
N TYR A 112 7.60 21.96 -15.28
CA TYR A 112 7.69 20.83 -14.35
C TYR A 112 9.02 20.80 -13.60
N ASN A 113 10.10 21.02 -14.34
CA ASN A 113 11.45 21.00 -13.77
C ASN A 113 11.72 22.20 -12.88
N GLY A 114 10.90 23.24 -13.01
CA GLY A 114 10.98 24.43 -12.16
C GLY A 114 9.87 24.54 -11.14
N LEU A 115 8.91 23.63 -11.21
CA LEU A 115 7.78 23.58 -10.26
C LEU A 115 7.96 22.44 -9.27
N VAL A 116 8.19 21.23 -9.77
CA VAL A 116 8.40 20.06 -8.93
C VAL A 116 9.88 19.92 -8.59
N THR A 117 10.29 20.63 -7.54
CA THR A 117 11.68 20.62 -7.07
C THR A 117 11.87 19.71 -5.87
N GLY A 118 13.12 19.38 -5.58
CA GLY A 118 13.47 18.49 -4.47
C GLY A 118 12.97 18.92 -3.10
N THR A 119 12.89 20.23 -2.89
CA THR A 119 12.33 20.80 -1.66
C THR A 119 10.81 20.60 -1.61
N ARG A 120 10.13 21.13 -2.62
CA ARG A 120 8.67 20.98 -2.72
C ARG A 120 8.23 19.51 -2.72
N ALA A 121 9.06 18.63 -3.27
CA ALA A 121 8.80 17.19 -3.27
C ALA A 121 8.70 16.64 -1.85
N LYS A 122 9.57 17.12 -0.97
CA LYS A 122 9.55 16.74 0.44
C LYS A 122 8.36 17.36 1.17
N GLY A 123 7.93 18.53 0.69
CA GLY A 123 6.70 19.17 1.18
C GLY A 123 5.49 18.29 0.93
N ILE A 124 5.40 17.74 -0.29
CA ILE A 124 4.30 16.85 -0.65
C ILE A 124 4.33 15.53 0.14
N ILE A 125 5.51 14.99 0.40
CA ILE A 125 5.65 13.78 1.20
C ILE A 125 5.18 14.02 2.64
N ALA A 126 5.50 15.21 3.16
CA ALA A 126 5.04 15.64 4.49
C ALA A 126 3.53 15.59 4.56
N ILE A 127 2.87 16.30 3.65
CA ILE A 127 1.41 16.29 3.51
C ILE A 127 0.84 14.87 3.52
N CYS A 128 1.47 13.95 2.80
CA CYS A 128 1.03 12.55 2.76
C CYS A 128 0.98 11.95 4.15
N TRP A 129 1.97 12.31 4.97
CA TRP A 129 2.10 11.77 6.31
C TRP A 129 1.26 12.53 7.35
N VAL A 130 1.04 13.83 7.13
CA VAL A 130 0.13 14.60 7.97
C VAL A 130 -1.29 14.03 7.78
N LEU A 131 -1.70 13.90 6.51
CA LEU A 131 -3.04 13.38 6.18
C LEU A 131 -3.28 11.96 6.69
N SER A 132 -2.23 11.15 6.75
CA SER A 132 -2.34 9.77 7.21
C SER A 132 -2.58 9.67 8.71
N PHE A 133 -1.87 10.51 9.48
CA PHE A 133 -1.98 10.50 10.94
C PHE A 133 -3.32 11.07 11.39
N ALA A 134 -3.72 12.19 10.79
CA ALA A 134 -5.01 12.81 11.06
C ALA A 134 -6.16 11.82 10.86
N ILE A 135 -6.12 11.08 9.75
CA ILE A 135 -7.20 10.14 9.40
C ILE A 135 -7.20 8.87 10.26
N GLY A 136 -6.04 8.23 10.42
CA GLY A 136 -5.93 6.99 11.17
C GLY A 136 -5.97 7.19 12.66
N LEU A 137 -5.69 8.41 13.12
CA LEU A 137 -5.76 8.71 14.55
C LEU A 137 -7.08 9.38 14.98
N THR A 138 -7.97 9.60 14.02
CA THR A 138 -9.31 10.13 14.29
C THR A 138 -10.09 9.28 15.32
N PRO A 139 -9.99 7.93 15.23
CA PRO A 139 -10.71 7.14 16.23
C PRO A 139 -10.18 7.34 17.66
N MET A 140 -8.89 7.65 17.78
CA MET A 140 -8.25 7.87 19.07
C MET A 140 -8.89 9.01 19.86
N LEU A 141 -9.38 10.01 19.14
CA LEU A 141 -9.97 11.20 19.73
C LEU A 141 -11.28 10.92 20.48
N GLY A 142 -11.96 9.84 20.13
CA GLY A 142 -13.21 9.48 20.77
C GLY A 142 -14.12 8.67 19.88
N TRP A 143 -13.94 8.84 18.58
CA TRP A 143 -14.73 8.11 17.59
C TRP A 143 -14.34 6.62 17.56
N ASN A 144 -14.60 5.92 18.67
CA ASN A 144 -14.20 4.53 18.84
C ASN A 144 -15.19 3.77 19.72
N ASN A 145 -15.29 2.46 19.49
CA ASN A 145 -16.26 1.62 20.20
C ASN A 145 -15.88 1.22 21.64
N CYS A 146 -14.91 1.92 22.22
CA CYS A 146 -14.41 1.61 23.56
C CYS A 146 -15.37 1.94 24.71
N GLY A 147 -16.29 2.88 24.47
CA GLY A 147 -17.32 3.22 25.44
C GLY A 147 -18.30 2.07 25.67
N GLN A 148 -18.36 1.15 24.71
CA GLN A 148 -19.30 0.03 24.75
C GLN A 148 -18.59 -1.33 24.60
N PRO A 149 -17.79 -1.72 25.61
CA PRO A 149 -17.02 -2.97 25.56
C PRO A 149 -17.92 -4.20 25.50
N LYS A 150 -17.44 -5.26 24.85
CA LYS A 150 -18.21 -6.51 24.75
C LYS A 150 -17.72 -7.52 25.78
N GLU A 151 -18.43 -7.59 26.90
CA GLU A 151 -18.04 -8.46 28.01
C GLU A 151 -18.49 -9.91 27.84
N GLY A 152 -19.55 -10.11 27.07
CA GLY A 152 -20.03 -11.45 26.74
C GLY A 152 -19.02 -12.22 25.90
N LYS A 153 -18.24 -11.48 25.11
CA LYS A 153 -17.15 -12.03 24.30
C LYS A 153 -15.82 -12.08 25.07
N ALA A 154 -15.59 -11.07 25.90
CA ALA A 154 -14.37 -11.00 26.71
C ALA A 154 -14.33 -12.15 27.72
N HIS A 155 -15.51 -12.60 28.13
CA HIS A 155 -15.63 -13.72 29.07
C HIS A 155 -15.24 -15.03 28.41
N SER A 156 -15.81 -15.31 27.24
CA SER A 156 -15.52 -16.53 26.48
C SER A 156 -14.01 -16.73 26.25
N GLN A 157 -13.29 -15.63 26.09
CA GLN A 157 -11.83 -15.65 25.88
C GLN A 157 -11.06 -15.64 27.21
N GLY A 158 -11.79 -15.64 28.32
CA GLY A 158 -11.20 -15.68 29.66
C GLY A 158 -10.37 -14.44 29.99
N CYS A 159 -10.79 -13.30 29.47
CA CYS A 159 -10.07 -12.04 29.70
C CYS A 159 -10.40 -11.51 31.09
N GLY A 160 -9.38 -10.95 31.74
CA GLY A 160 -9.54 -10.36 33.07
C GLY A 160 -10.41 -9.13 33.05
N GLU A 161 -10.74 -8.61 34.23
CA GLU A 161 -11.56 -7.40 34.34
C GLU A 161 -10.83 -6.18 33.81
N GLY A 162 -11.53 -5.42 32.97
CA GLY A 162 -10.92 -4.28 32.28
C GLY A 162 -10.29 -4.68 30.95
N GLN A 163 -10.61 -5.88 30.49
CA GLN A 163 -10.06 -6.41 29.23
C GLN A 163 -11.15 -6.90 28.30
N VAL A 164 -10.97 -6.63 27.01
CA VAL A 164 -11.87 -7.06 25.96
C VAL A 164 -11.13 -7.88 24.90
N ALA A 165 -11.87 -8.65 24.11
CA ALA A 165 -11.30 -9.41 23.00
C ALA A 165 -10.93 -8.45 21.87
N CYS A 166 -9.62 -8.30 21.64
CA CYS A 166 -9.10 -7.33 20.69
C CYS A 166 -9.39 -7.70 19.23
N LEU A 167 -10.54 -7.25 18.75
CA LEU A 167 -10.90 -7.35 17.33
C LEU A 167 -10.97 -5.95 16.71
N PHE A 168 -10.84 -5.89 15.38
CA PHE A 168 -10.91 -4.63 14.65
C PHE A 168 -12.32 -4.07 14.76
N GLU A 169 -13.27 -4.88 14.31
CA GLU A 169 -14.68 -4.52 14.29
C GLU A 169 -15.24 -4.26 15.69
N ASP A 170 -14.40 -4.45 16.71
CA ASP A 170 -14.80 -4.25 18.10
C ASP A 170 -14.41 -2.88 18.65
N VAL A 171 -13.37 -2.28 18.09
CA VAL A 171 -12.89 -0.98 18.57
C VAL A 171 -13.04 0.13 17.53
N VAL A 172 -12.94 -0.22 16.26
CA VAL A 172 -13.04 0.75 15.17
C VAL A 172 -14.45 0.74 14.60
N PRO A 173 -15.15 1.89 14.73
CA PRO A 173 -16.55 2.03 14.31
C PRO A 173 -16.74 1.89 12.80
N MET A 174 -17.85 1.26 12.42
CA MET A 174 -18.17 1.04 11.02
C MET A 174 -18.50 2.33 10.28
N ASN A 175 -19.09 3.29 10.99
CA ASN A 175 -19.39 4.58 10.38
C ASN A 175 -18.12 5.37 10.07
N TYR A 176 -17.13 5.31 10.97
CA TYR A 176 -15.80 5.85 10.69
C TYR A 176 -15.22 5.21 9.43
N MET A 177 -15.35 3.89 9.34
CA MET A 177 -14.84 3.15 8.20
C MET A 177 -15.53 3.56 6.91
N VAL A 178 -16.86 3.58 6.92
CA VAL A 178 -17.63 3.81 5.70
C VAL A 178 -17.64 5.29 5.33
N TYR A 179 -17.97 6.15 6.28
CA TYR A 179 -18.15 7.58 6.01
C TYR A 179 -16.86 8.38 5.90
N PHE A 180 -15.87 8.05 6.72
CA PHE A 180 -14.62 8.80 6.72
C PHE A 180 -13.47 8.05 6.04
N ASN A 181 -13.17 6.84 6.51
CA ASN A 181 -12.01 6.10 6.00
C ASN A 181 -12.11 5.69 4.53
N PHE A 182 -13.24 5.09 4.15
CA PHE A 182 -13.48 4.69 2.78
C PHE A 182 -13.38 5.87 1.80
N PHE A 183 -14.04 6.98 2.11
CA PHE A 183 -14.02 8.17 1.24
C PHE A 183 -12.68 8.88 1.21
N ALA A 184 -12.06 9.05 2.37
CA ALA A 184 -10.79 9.77 2.47
C ALA A 184 -9.61 8.97 1.91
N CYS A 185 -9.56 7.68 2.22
CA CYS A 185 -8.40 6.87 1.88
C CYS A 185 -8.50 6.16 0.54
N VAL A 186 -9.72 5.78 0.14
CA VAL A 186 -9.84 4.99 -1.07
C VAL A 186 -10.53 5.70 -2.23
N LEU A 187 -11.80 6.04 -2.07
CA LEU A 187 -12.59 6.60 -3.18
C LEU A 187 -12.02 7.89 -3.79
N VAL A 188 -11.63 8.85 -2.95
CA VAL A 188 -11.03 10.09 -3.46
C VAL A 188 -9.70 9.81 -4.20
N PRO A 189 -8.68 9.27 -3.50
CA PRO A 189 -7.44 8.99 -4.23
C PRO A 189 -7.67 8.14 -5.48
N LEU A 190 -8.62 7.20 -5.42
CA LEU A 190 -8.98 6.40 -6.61
C LEU A 190 -9.52 7.26 -7.74
N LEU A 191 -10.43 8.19 -7.41
CA LEU A 191 -11.01 9.08 -8.43
C LEU A 191 -9.97 10.02 -9.04
N LEU A 192 -9.09 10.56 -8.20
CA LEU A 192 -8.02 11.45 -8.67
C LEU A 192 -7.05 10.74 -9.61
N MET A 193 -6.60 9.56 -9.22
CA MET A 193 -5.70 8.75 -10.04
C MET A 193 -6.37 8.39 -11.36
N LEU A 194 -7.63 7.96 -11.27
CA LEU A 194 -8.44 7.64 -12.44
C LEU A 194 -8.53 8.87 -13.36
N GLY A 195 -8.82 10.03 -12.77
CA GLY A 195 -8.84 11.30 -13.50
C GLY A 195 -7.52 11.62 -14.18
N VAL A 196 -6.42 11.36 -13.48
CA VAL A 196 -5.07 11.55 -14.02
C VAL A 196 -4.83 10.64 -15.21
N TYR A 197 -5.14 9.35 -15.05
CA TYR A 197 -5.03 8.39 -16.14
C TYR A 197 -5.81 8.83 -17.39
N LEU A 198 -7.06 9.21 -17.20
CA LEU A 198 -7.91 9.67 -18.31
C LEU A 198 -7.36 10.92 -19.00
N ARG A 199 -6.58 11.72 -18.27
CA ARG A 199 -5.96 12.91 -18.85
C ARG A 199 -4.67 12.59 -19.60
N ILE A 200 -4.06 11.45 -19.26
CA ILE A 200 -2.88 10.95 -19.97
C ILE A 200 -3.29 10.12 -21.17
N PHE A 201 -4.41 9.41 -21.03
CA PHE A 201 -4.99 8.64 -22.13
C PHE A 201 -5.43 9.57 -23.26
N LEU A 202 -6.23 10.58 -22.91
CA LEU A 202 -6.70 11.60 -23.87
C LEU A 202 -5.58 12.35 -24.58
N ALA A 203 -4.44 12.52 -23.89
CA ALA A 203 -3.26 13.14 -24.47
C ALA A 203 -2.66 12.29 -25.58
N ALA A 204 -2.71 10.97 -25.40
CA ALA A 204 -2.23 10.02 -26.41
C ALA A 204 -3.18 9.94 -27.61
N ARG A 205 -4.48 10.03 -27.34
CA ARG A 205 -5.50 9.92 -28.39
C ARG A 205 -5.46 11.11 -29.35
N ARG A 206 -5.16 12.29 -28.83
CA ARG A 206 -5.02 13.49 -29.66
C ARG A 206 -3.72 13.46 -30.47
N GLN A 207 -2.69 12.85 -29.91
CA GLN A 207 -1.43 12.60 -30.64
C GLN A 207 -1.66 11.54 -31.71
N LEU A 208 -2.53 10.58 -31.42
CA LEU A 208 -2.83 9.50 -32.34
C LEU A 208 -3.76 9.96 -33.46
N LYS A 209 -4.62 10.94 -33.17
CA LYS A 209 -5.50 11.54 -34.17
C LYS A 209 -4.71 12.42 -35.15
N GLN A 210 -3.58 12.96 -34.67
CA GLN A 210 -2.73 13.80 -35.49
C GLN A 210 -1.91 13.01 -36.51
N MET A 211 -1.62 11.75 -36.19
CA MET A 211 -0.87 10.87 -37.09
C MET A 211 -1.70 10.47 -38.31
N GLU A 212 -3.00 10.73 -38.25
CA GLU A 212 -3.90 10.45 -39.36
C GLU A 212 -3.75 11.48 -40.49
N SER A 213 -3.49 12.74 -40.13
CA SER A 213 -3.29 13.81 -41.12
C SER A 213 -1.91 13.75 -41.76
N THR A 224 7.02 12.04 -27.72
CA THR A 224 6.09 12.25 -26.62
C THR A 224 5.01 11.18 -26.58
N LEU A 225 4.56 10.75 -27.76
CA LEU A 225 3.51 9.73 -27.88
C LEU A 225 3.92 8.39 -27.26
N GLN A 226 5.19 8.02 -27.42
CA GLN A 226 5.73 6.79 -26.84
C GLN A 226 5.80 6.86 -25.31
N LYS A 227 6.07 8.06 -24.79
CA LYS A 227 6.08 8.30 -23.35
C LYS A 227 4.68 8.20 -22.76
N GLU A 228 3.71 8.82 -23.44
CA GLU A 228 2.34 8.92 -22.97
C GLU A 228 1.58 7.60 -23.00
N VAL A 229 1.91 6.73 -23.95
CA VAL A 229 1.31 5.39 -24.04
C VAL A 229 1.84 4.51 -22.91
N HIS A 230 3.14 4.57 -22.67
CA HIS A 230 3.75 3.85 -21.56
C HIS A 230 3.24 4.35 -20.20
N ALA A 231 3.25 5.68 -20.02
CA ALA A 231 2.72 6.30 -18.80
C ALA A 231 1.27 5.90 -18.56
N ALA A 232 0.46 5.87 -19.62
CA ALA A 232 -0.93 5.48 -19.52
C ALA A 232 -1.09 4.07 -18.99
N LYS A 233 -0.33 3.13 -19.54
CA LYS A 233 -0.41 1.74 -19.08
C LYS A 233 0.13 1.58 -17.67
N SER A 234 1.16 2.35 -17.34
CA SER A 234 1.69 2.39 -15.98
C SER A 234 0.62 2.87 -14.99
N LEU A 235 -0.09 3.93 -15.38
CA LEU A 235 -1.19 4.45 -14.57
C LEU A 235 -2.37 3.51 -14.53
N ALA A 236 -2.66 2.85 -15.66
CA ALA A 236 -3.74 1.87 -15.71
C ALA A 236 -3.45 0.69 -14.78
N ILE A 237 -2.18 0.31 -14.65
CA ILE A 237 -1.81 -0.76 -13.72
C ILE A 237 -1.99 -0.32 -12.27
N ILE A 238 -1.46 0.84 -11.91
CA ILE A 238 -1.59 1.39 -10.56
C ILE A 238 -3.06 1.43 -10.09
N VAL A 239 -3.92 2.00 -10.93
CA VAL A 239 -5.33 2.21 -10.59
C VAL A 239 -6.14 0.90 -10.58
N GLY A 240 -5.93 0.06 -11.59
CA GLY A 240 -6.59 -1.24 -11.66
C GLY A 240 -6.28 -2.11 -10.45
N LEU A 241 -5.00 -2.18 -10.09
CA LEU A 241 -4.58 -2.96 -8.93
C LEU A 241 -5.05 -2.34 -7.62
N PHE A 242 -5.02 -1.02 -7.54
CA PHE A 242 -5.49 -0.29 -6.38
C PHE A 242 -6.97 -0.57 -6.10
N ALA A 243 -7.79 -0.53 -7.15
CA ALA A 243 -9.21 -0.85 -7.03
C ALA A 243 -9.44 -2.32 -6.71
N LEU A 244 -8.61 -3.18 -7.28
CA LEU A 244 -8.70 -4.61 -7.02
C LEU A 244 -8.33 -4.93 -5.57
N CYS A 245 -7.30 -4.26 -5.07
CA CYS A 245 -6.78 -4.49 -3.72
C CYS A 245 -7.68 -3.92 -2.63
N TRP A 246 -8.19 -2.71 -2.84
CA TRP A 246 -8.86 -1.96 -1.77
C TRP A 246 -10.40 -2.01 -1.73
N LEU A 247 -11.06 -2.07 -2.87
CA LEU A 247 -12.53 -2.02 -2.91
C LEU A 247 -13.26 -3.18 -2.22
N PRO A 248 -12.86 -4.45 -2.47
CA PRO A 248 -13.62 -5.56 -1.87
C PRO A 248 -13.85 -5.41 -0.36
N LEU A 249 -12.76 -5.18 0.39
CA LEU A 249 -12.85 -5.00 1.84
C LEU A 249 -13.79 -3.85 2.21
N HIS A 250 -13.68 -2.74 1.48
CA HIS A 250 -14.50 -1.57 1.76
C HIS A 250 -15.96 -1.79 1.40
N ILE A 251 -16.22 -2.43 0.27
CA ILE A 251 -17.58 -2.84 -0.10
C ILE A 251 -18.17 -3.75 0.98
N ILE A 252 -17.41 -4.75 1.41
CA ILE A 252 -17.86 -5.61 2.51
C ILE A 252 -18.22 -4.76 3.73
N ASN A 253 -17.35 -3.82 4.07
CA ASN A 253 -17.60 -2.85 5.15
C ASN A 253 -18.93 -2.13 4.98
N CYS A 254 -19.19 -1.66 3.77
CA CYS A 254 -20.45 -0.98 3.44
C CYS A 254 -21.63 -1.92 3.64
N PHE A 255 -21.52 -3.14 3.14
CA PHE A 255 -22.52 -4.18 3.35
C PHE A 255 -22.82 -4.37 4.84
N THR A 256 -21.76 -4.56 5.63
CA THR A 256 -21.88 -4.75 7.08
C THR A 256 -22.57 -3.56 7.74
N PHE A 257 -22.21 -2.35 7.31
CA PHE A 257 -22.77 -1.12 7.89
C PHE A 257 -24.21 -0.87 7.47
N PHE A 258 -24.54 -1.18 6.22
CA PHE A 258 -25.88 -0.94 5.69
C PHE A 258 -26.83 -2.14 5.79
N CYS A 259 -26.30 -3.29 6.18
CA CYS A 259 -27.15 -4.42 6.53
C CYS A 259 -26.77 -4.99 7.89
N PRO A 260 -27.28 -4.35 8.97
CA PRO A 260 -26.96 -4.80 10.32
C PRO A 260 -27.77 -6.04 10.74
N ASP A 261 -28.86 -6.30 10.02
CA ASP A 261 -29.73 -7.46 10.28
C ASP A 261 -29.35 -8.67 9.44
N CYS A 262 -28.55 -8.45 8.39
CA CYS A 262 -27.95 -9.53 7.62
C CYS A 262 -27.03 -10.34 8.50
N SER A 263 -26.91 -11.64 8.19
CA SER A 263 -25.83 -12.44 8.73
C SER A 263 -24.54 -11.84 8.18
N HIS A 264 -23.53 -11.71 9.04
CA HIS A 264 -22.26 -11.10 8.68
C HIS A 264 -21.62 -11.83 7.50
N ALA A 265 -20.90 -11.07 6.66
CA ALA A 265 -20.10 -11.66 5.60
C ALA A 265 -19.09 -12.67 6.19
N PRO A 266 -18.99 -13.86 5.59
CA PRO A 266 -18.11 -14.96 6.03
C PRO A 266 -16.68 -14.55 6.35
N LEU A 267 -16.12 -15.16 7.39
CA LEU A 267 -14.77 -14.87 7.87
C LEU A 267 -13.66 -15.23 6.88
N TRP A 268 -13.91 -16.21 6.00
CA TRP A 268 -12.93 -16.54 4.95
C TRP A 268 -12.85 -15.37 3.98
N LEU A 269 -14.01 -14.78 3.68
CA LEU A 269 -14.10 -13.62 2.79
C LEU A 269 -13.50 -12.41 3.46
N MET A 270 -13.70 -12.28 4.77
CA MET A 270 -13.06 -11.25 5.56
C MET A 270 -11.54 -11.38 5.40
N TYR A 271 -11.03 -12.58 5.71
CA TYR A 271 -9.61 -12.89 5.59
C TYR A 271 -9.06 -12.65 4.19
N LEU A 272 -9.85 -13.02 3.18
CA LEU A 272 -9.49 -12.80 1.78
C LEU A 272 -9.38 -11.31 1.45
N ALA A 273 -10.36 -10.53 1.90
CA ALA A 273 -10.42 -9.09 1.64
C ALA A 273 -9.32 -8.31 2.36
N ILE A 274 -9.07 -8.65 3.62
CA ILE A 274 -8.00 -8.04 4.41
C ILE A 274 -6.63 -8.31 3.77
N VAL A 275 -6.39 -9.56 3.40
CA VAL A 275 -5.16 -9.97 2.71
C VAL A 275 -5.02 -9.18 1.41
N LEU A 276 -6.08 -9.19 0.60
CA LEU A 276 -6.13 -8.50 -0.68
C LEU A 276 -5.81 -7.01 -0.55
N SER A 277 -6.25 -6.39 0.56
CA SER A 277 -5.96 -4.98 0.82
C SER A 277 -4.48 -4.76 1.03
N HIS A 278 -3.84 -5.72 1.70
CA HIS A 278 -2.42 -5.64 2.05
C HIS A 278 -1.49 -5.91 0.87
N THR A 279 -2.00 -6.64 -0.12
CA THR A 279 -1.21 -6.99 -1.29
C THR A 279 -0.98 -5.81 -2.25
N ASN A 280 -1.55 -4.65 -1.91
CA ASN A 280 -1.27 -3.42 -2.65
C ASN A 280 0.16 -2.95 -2.45
N SER A 281 0.72 -3.26 -1.28
CA SER A 281 2.05 -2.80 -0.90
C SER A 281 3.20 -3.53 -1.60
N VAL A 282 2.92 -4.74 -2.07
CA VAL A 282 3.91 -5.50 -2.83
C VAL A 282 3.91 -5.10 -4.30
N VAL A 283 2.73 -4.88 -4.87
CA VAL A 283 2.62 -4.46 -6.27
C VAL A 283 2.82 -2.96 -6.48
N ASN A 284 2.24 -2.14 -5.62
CA ASN A 284 2.41 -0.69 -5.67
C ASN A 284 3.40 -0.23 -4.62
N PRO A 285 4.42 0.55 -5.02
CA PRO A 285 4.63 0.96 -6.40
C PRO A 285 5.67 0.11 -7.13
N PHE A 286 5.83 -1.16 -6.73
CA PHE A 286 6.88 -2.00 -7.30
C PHE A 286 6.78 -2.06 -8.82
N ILE A 287 5.64 -2.53 -9.32
CA ILE A 287 5.41 -2.72 -10.77
C ILE A 287 5.63 -1.43 -11.58
N TYR A 288 5.23 -0.29 -11.03
CA TYR A 288 5.46 0.99 -11.70
C TYR A 288 6.95 1.17 -11.97
N ALA A 289 7.77 0.85 -10.96
CA ALA A 289 9.22 0.98 -11.07
C ALA A 289 9.82 -0.06 -12.01
N TYR A 290 9.32 -1.29 -11.91
CA TYR A 290 9.71 -2.39 -12.78
C TYR A 290 9.49 -2.07 -14.27
N ARG A 291 8.65 -1.07 -14.53
CA ARG A 291 8.34 -0.64 -15.88
C ARG A 291 9.20 0.55 -16.33
N ILE A 292 10.23 0.86 -15.56
CA ILE A 292 11.27 1.76 -16.03
C ILE A 292 12.53 0.92 -16.21
N ARG A 293 13.11 1.00 -17.40
CA ARG A 293 14.30 0.21 -17.76
C ARG A 293 15.46 0.46 -16.81
N GLU A 294 15.73 1.75 -16.53
CA GLU A 294 16.83 2.17 -15.68
C GLU A 294 16.76 1.50 -14.31
N PHE A 295 15.54 1.32 -13.80
CA PHE A 295 15.30 0.55 -12.59
C PHE A 295 15.55 -0.94 -12.81
N ARG A 296 14.99 -1.47 -13.89
CA ARG A 296 14.99 -2.91 -14.15
C ARG A 296 16.38 -3.48 -14.37
N GLN A 297 17.24 -2.70 -15.04
CA GLN A 297 18.65 -3.06 -15.21
C GLN A 297 19.34 -3.12 -13.85
N THR A 298 19.13 -2.07 -13.05
CA THR A 298 19.64 -2.00 -11.68
C THR A 298 19.08 -3.13 -10.82
N PHE A 299 17.83 -3.51 -11.07
CA PHE A 299 17.20 -4.62 -10.36
C PHE A 299 17.87 -5.94 -10.68
N ARG A 300 18.38 -6.07 -11.91
CA ARG A 300 19.11 -7.27 -12.31
C ARG A 300 20.48 -7.31 -11.66
N LYS A 301 21.18 -6.17 -11.64
CA LYS A 301 22.48 -6.04 -10.98
C LYS A 301 22.47 -6.48 -9.50
N ILE A 302 21.31 -6.37 -8.85
CA ILE A 302 21.16 -6.71 -7.43
C ILE A 302 20.80 -8.19 -7.23
N ILE A 303 19.85 -8.70 -8.00
CA ILE A 303 19.45 -10.11 -7.91
C ILE A 303 20.51 -11.01 -8.55
N ARG A 304 21.23 -10.47 -9.53
CA ARG A 304 22.38 -11.15 -10.16
C ARG A 304 23.48 -11.39 -9.13
N SER A 305 23.92 -10.31 -8.49
CA SER A 305 24.94 -10.36 -7.44
C SER A 305 24.53 -11.23 -6.26
N HIS A 306 23.24 -11.45 -6.12
CA HIS A 306 22.70 -12.33 -5.09
C HIS A 306 22.77 -13.80 -5.50
N VAL A 307 22.86 -14.05 -6.81
CA VAL A 307 22.96 -15.43 -7.33
C VAL A 307 24.42 -15.88 -7.50
N LEU A 308 25.27 -14.99 -8.04
CA LEU A 308 26.68 -15.29 -8.23
C LEU A 308 27.50 -15.26 -6.92
N ARG A 309 26.82 -15.12 -5.80
CA ARG A 309 27.48 -15.12 -4.49
C ARG A 309 26.82 -16.06 -3.46
N GLN A 310 25.52 -16.27 -3.58
CA GLN A 310 24.79 -17.17 -2.67
C GLN A 310 24.70 -18.61 -3.18
N GLN A 311 25.11 -18.83 -4.42
CA GLN A 311 25.17 -20.18 -4.99
C GLN A 311 26.64 -20.61 -5.17
N GLU A 312 27.56 -19.73 -4.75
CA GLU A 312 29.01 -19.97 -4.84
C GLU A 312 29.52 -21.18 -4.04
N PRO A 313 29.03 -21.37 -2.78
CA PRO A 313 29.41 -22.58 -2.03
C PRO A 313 29.11 -23.89 -2.77
N PHE A 314 27.99 -23.94 -3.47
CA PHE A 314 27.59 -25.14 -4.23
C PHE A 314 28.23 -25.18 -5.62
N LYS A 315 28.59 -24.00 -6.15
CA LYS A 315 29.26 -23.89 -7.45
C LYS A 315 30.69 -24.45 -7.39
N ALA A 316 31.39 -24.14 -6.31
CA ALA A 316 32.74 -24.64 -6.07
C ALA A 316 32.70 -26.13 -5.70
N ALA A 317 31.70 -26.51 -4.92
CA ALA A 317 31.52 -27.92 -4.50
C ALA A 317 31.30 -28.84 -5.69
N ALA A 318 30.57 -28.37 -6.69
CA ALA A 318 30.35 -29.13 -7.92
C ALA A 318 31.61 -29.14 -8.77
N ALA A 319 32.31 -28.00 -8.79
CA ALA A 319 33.55 -27.85 -9.57
C ALA A 319 34.64 -28.80 -9.09
N GLU A 320 34.72 -29.00 -7.77
CA GLU A 320 35.70 -29.93 -7.19
C GLU A 320 35.31 -31.39 -7.38
N ASN A 321 34.02 -31.70 -7.22
CA ASN A 321 33.53 -33.08 -7.36
C ASN A 321 33.77 -33.67 -8.75
N LEU A 322 33.57 -32.87 -9.78
CA LEU A 322 33.85 -33.30 -11.16
C LEU A 322 35.35 -33.29 -11.47
N TYR A 323 36.05 -32.28 -10.98
CA TYR A 323 37.50 -32.15 -11.14
C TYR A 323 38.20 -33.48 -10.82
N PHE A 324 37.88 -34.07 -9.68
CA PHE A 324 38.33 -35.41 -9.33
C PHE A 324 37.39 -36.41 -10.01
O5' ADN B . -8.52 -0.21 6.09
C5' ADN B . -7.10 -0.29 6.24
C4' ADN B . -6.72 -1.55 6.99
O4' ADN B . -7.52 -1.68 8.17
C3' ADN B . -6.90 -2.84 6.21
O3' ADN B . -5.75 -3.24 5.46
C2' ADN B . -7.20 -3.85 7.29
O2' ADN B . -5.98 -4.42 7.77
C1' ADN B . -7.88 -3.05 8.39
N9 ADN B . -9.34 -3.25 8.29
C8 ADN B . -10.24 -2.47 7.66
N7 ADN B . -11.50 -2.98 7.77
C5 ADN B . -11.41 -4.12 8.48
C6 ADN B . -12.35 -5.15 8.97
N6 ADN B . -13.68 -5.07 8.70
N1 ADN B . -11.83 -6.17 9.68
C2 ADN B . -10.52 -6.27 9.97
N3 ADN B . -9.61 -5.37 9.55
C4 ADN B . -9.99 -4.30 8.82
C1 SOG C . -23.40 9.62 12.40
C2 SOG C . -23.55 8.25 11.74
C3 SOG C . -24.75 7.48 12.30
C4 SOG C . -24.94 7.61 13.81
C5 SOG C . -24.61 9.00 14.34
C6 SOG C . -24.55 9.03 15.88
C1' SOG C . -21.09 10.82 13.29
C2' SOG C . -19.72 11.44 13.00
C3' SOG C . -18.92 11.60 14.29
C4' SOG C . -17.70 12.49 14.07
C5' SOG C . -16.84 12.57 15.31
C6' SOG C . -15.43 13.05 14.98
C7' SOG C . -14.53 13.03 16.21
C8' SOG C . -13.21 13.71 15.92
S1 SOG C . -21.95 10.46 11.79
O2 SOG C . -23.77 8.41 10.34
O3 SOG C . -24.59 6.09 11.98
O4 SOG C . -26.32 7.30 14.12
O5 SOG C . -23.36 9.45 13.81
O6 SOG C . -23.26 8.64 16.34
C1 SOG D . -18.58 8.17 19.60
C2 SOG D . -18.67 7.05 18.56
C3 SOG D . -19.35 5.79 19.13
C4 SOG D . -18.90 5.43 20.55
C5 SOG D . -18.67 6.65 21.48
C6 SOG D . -17.93 6.19 22.76
C1' SOG D . -18.45 10.91 19.50
C2' SOG D . -17.57 12.12 19.22
C3' SOG D . -16.64 12.39 20.39
C4' SOG D . -15.24 12.75 19.92
C5' SOG D . -14.68 13.94 20.68
C6' SOG D . -13.68 14.72 19.83
C7' SOG D . -12.68 15.48 20.68
C8' SOG D . -11.92 16.48 19.85
S1 SOG D . -17.63 9.49 18.89
O2 SOG D . -19.43 7.49 17.43
O3 SOG D . -19.05 4.69 18.27
O4 SOG D . -19.90 4.58 21.13
O5 SOG D . -17.94 7.68 20.80
O6 SOG D . -16.90 7.11 23.15
#